data_7B9U
#
_entry.id   7B9U
#
_cell.length_a   60.364
_cell.length_b   72.871
_cell.length_c   78.873
_cell.angle_alpha   90.000
_cell.angle_beta   90.000
_cell.angle_gamma   90.000
#
_symmetry.space_group_name_H-M   'P 21 21 21'
#
loop_
_entity.id
_entity.type
_entity.pdbx_description
1 polymer 'Palmitoleoyl-protein carboxylesterase NOTUM'
2 non-polymer 'SULFATE ION'
3 non-polymer 2-acetamido-2-deoxy-beta-D-glucopyranose
4 non-polymer 'DIMETHYL SULFOXIDE'
5 non-polymer 4-[(furan-2-yl)methyl]-1lambda~6~,4-thiazinane-1,1-dione
6 water water
#
_entity_poly.entity_id   1
_entity_poly.type   'polypeptide(L)'
_entity_poly.pdbx_seq_one_letter_code
;ETGSAQQLNEDLRLHLLLNTSVTCNDGSPAGYYLKESRGSRRWLLFLEGGWYCFNRENCDSRYDTMRRLMSSRDWPRTRT
GTGILSSQPEENPYWWNANMVFIPYCSSDVWSGASSKSEKNEYAFMGALIIQEVVRELLGRGLSGAKVLLLAGSSAGGTG
VLLNVDRVAEQLEKLGYPAIQVRGLADSGWFLDNKQYRHTDCVDTITCAPTEAIRRGIRYWNGVVPERCRRQFQEGEEWN
CFFGYKVYPTLRSPVFVVQWLFDEAQLTVDNVHLTGQPVQEGLRLYIQNLGRELRHTLKDVPASFAPACLSHEIIIRSHW
TDVQVKGTSLPRALHCWDRSLHDSHKASKTPLKGCPVHLVDSCPWPHCNPSCPTGTKHHHHHH
;
_entity_poly.pdbx_strand_id   A
#
loop_
_chem_comp.id
_chem_comp.type
_chem_comp.name
_chem_comp.formula
DMS non-polymer 'DIMETHYL SULFOXIDE' 'C2 H6 O S'
NAG D-saccharide, beta linking 2-acetamido-2-deoxy-beta-D-glucopyranose 'C8 H15 N O6'
O3D non-polymer 4-[(furan-2-yl)methyl]-1lambda~6~,4-thiazinane-1,1-dione 'C9 H13 N O3 S'
SO4 non-polymer 'SULFATE ION' 'O4 S -2'
#
# COMPACT_ATOMS: atom_id res chain seq x y z
N ASP A 11 -6.68 0.20 21.43
CA ASP A 11 -5.25 -0.12 21.42
C ASP A 11 -4.96 -1.53 20.92
N LEU A 12 -4.01 -1.62 19.99
CA LEU A 12 -3.48 -2.86 19.47
C LEU A 12 -2.15 -3.16 20.15
N ARG A 13 -1.88 -4.44 20.43
CA ARG A 13 -0.73 -4.85 21.22
C ARG A 13 0.38 -5.42 20.33
N LEU A 14 1.62 -5.03 20.63
CA LEU A 14 2.77 -5.50 19.85
C LEU A 14 3.10 -6.96 20.14
N HIS A 15 3.36 -7.72 19.08
CA HIS A 15 3.97 -9.04 19.14
C HIS A 15 5.15 -9.08 18.19
N LEU A 16 6.34 -9.37 18.72
CA LEU A 16 7.50 -9.58 17.87
C LEU A 16 7.47 -11.00 17.32
N LEU A 17 7.92 -11.16 16.08
CA LEU A 17 7.79 -12.45 15.41
C LEU A 17 8.57 -13.53 16.18
N LEU A 18 7.93 -14.69 16.31
CA LEU A 18 8.55 -15.81 17.01
C LEU A 18 9.75 -16.34 16.22
N ASN A 19 9.64 -16.33 14.89
CA ASN A 19 10.75 -16.69 14.01
C ASN A 19 11.64 -15.45 13.89
N THR A 20 12.70 -15.40 14.68
CA THR A 20 13.54 -14.21 14.74
C THR A 20 14.48 -14.08 13.55
N SER A 21 14.45 -15.02 12.60
CA SER A 21 15.22 -14.87 11.37
CA SER A 21 15.22 -14.87 11.37
C SER A 21 14.52 -14.01 10.33
N VAL A 22 13.28 -13.59 10.60
CA VAL A 22 12.54 -12.69 9.72
C VAL A 22 12.66 -11.30 10.36
N THR A 23 13.46 -10.42 9.76
CA THR A 23 13.95 -9.24 10.46
C THR A 23 13.66 -7.95 9.70
N CYS A 24 13.71 -6.85 10.46
CA CYS A 24 13.80 -5.50 9.93
C CYS A 24 15.19 -5.28 9.31
N ASN A 25 15.42 -4.07 8.78
CA ASN A 25 16.65 -3.77 8.06
C ASN A 25 17.90 -4.11 8.86
N ASP A 26 17.91 -3.78 10.16
CA ASP A 26 19.12 -3.91 10.95
C ASP A 26 19.25 -5.25 11.67
N GLY A 27 18.42 -6.24 11.34
CA GLY A 27 18.50 -7.54 11.95
C GLY A 27 17.65 -7.73 13.19
N SER A 28 17.04 -6.67 13.71
CA SER A 28 16.10 -6.82 14.80
C SER A 28 14.83 -7.51 14.30
N PRO A 29 14.08 -8.18 15.19
CA PRO A 29 12.90 -8.91 14.73
C PRO A 29 11.80 -7.96 14.24
N ALA A 30 11.12 -8.37 13.17
CA ALA A 30 9.92 -7.68 12.75
C ALA A 30 8.75 -8.10 13.64
N GLY A 31 7.55 -7.61 13.37
CA GLY A 31 6.42 -7.91 14.23
C GLY A 31 5.12 -7.36 13.70
N TYR A 32 4.11 -7.34 14.57
CA TYR A 32 2.77 -6.86 14.24
C TYR A 32 2.06 -6.44 15.52
N TYR A 33 1.10 -5.53 15.38
CA TYR A 33 0.21 -5.11 16.46
C TYR A 33 -1.17 -5.71 16.22
N LEU A 34 -1.79 -6.24 17.28
CA LEU A 34 -3.03 -7.01 17.13
C LEU A 34 -4.05 -6.63 18.18
N LYS A 35 -5.31 -6.47 17.74
CA LYS A 35 -6.46 -6.41 18.63
C LYS A 35 -7.50 -7.40 18.12
N GLU A 36 -7.77 -8.44 18.91
CA GLU A 36 -8.68 -9.50 18.50
C GLU A 36 -10.13 -9.11 18.77
N SER A 37 -11.02 -9.63 17.92
CA SER A 37 -12.46 -9.47 18.08
C SER A 37 -13.10 -10.86 17.98
N ARG A 38 -13.34 -11.48 19.14
CA ARG A 38 -13.73 -12.89 19.17
C ARG A 38 -15.07 -13.15 18.49
N GLY A 39 -15.94 -12.16 18.43
CA GLY A 39 -17.22 -12.38 17.79
C GLY A 39 -17.19 -12.15 16.28
N SER A 40 -16.01 -12.12 15.68
CA SER A 40 -15.88 -11.76 14.27
C SER A 40 -14.98 -12.73 13.52
N ARG A 41 -15.38 -13.06 12.29
CA ARG A 41 -14.55 -13.85 11.38
C ARG A 41 -13.95 -13.01 10.25
N ARG A 42 -13.90 -11.68 10.44
CA ARG A 42 -13.24 -10.78 9.49
C ARG A 42 -11.89 -10.32 10.06
N TRP A 43 -10.87 -10.33 9.20
CA TRP A 43 -9.50 -9.98 9.59
C TRP A 43 -8.94 -8.92 8.65
N LEU A 44 -8.45 -7.82 9.23
CA LEU A 44 -7.88 -6.71 8.47
C LEU A 44 -6.40 -6.62 8.80
N LEU A 45 -5.55 -6.79 7.80
CA LEU A 45 -4.10 -6.70 7.97
C LEU A 45 -3.60 -5.50 7.15
N PHE A 46 -3.10 -4.47 7.84
CA PHE A 46 -2.74 -3.19 7.24
C PHE A 46 -1.23 -3.03 7.12
N LEU A 47 -0.77 -2.66 5.92
CA LEU A 47 0.65 -2.44 5.66
C LEU A 47 0.99 -0.96 5.72
N GLU A 48 1.86 -0.59 6.67
CA GLU A 48 2.35 0.79 6.78
C GLU A 48 3.17 1.17 5.55
N GLY A 49 3.22 2.47 5.26
CA GLY A 49 4.04 3.02 4.21
C GLY A 49 5.20 3.85 4.73
N GLY A 50 5.91 4.48 3.78
CA GLY A 50 7.03 5.34 4.11
C GLY A 50 8.23 5.32 3.17
N TRP A 51 7.99 5.54 1.87
CA TRP A 51 9.02 5.51 0.82
C TRP A 51 9.88 4.25 0.87
N TYR A 52 11.18 4.37 0.64
CA TYR A 52 12.11 3.24 0.55
C TYR A 52 13.53 3.79 0.47
N CYS A 53 14.51 2.88 0.46
CA CYS A 53 15.89 3.24 0.17
C CYS A 53 16.48 2.20 -0.77
N PHE A 54 17.46 2.59 -1.60
CA PHE A 54 17.89 1.71 -2.68
C PHE A 54 19.41 1.58 -2.86
N ASN A 55 20.24 2.11 -1.96
CA ASN A 55 21.67 1.79 -1.93
C ASN A 55 22.20 2.06 -0.53
N ARG A 56 23.52 1.85 -0.32
CA ARG A 56 24.10 1.85 1.02
C ARG A 56 24.03 3.24 1.69
N GLU A 57 24.75 4.20 1.07
CA GLU A 57 24.55 5.63 1.10
C GLU A 57 23.16 6.08 1.55
N ASN A 58 22.10 5.91 0.75
CA ASN A 58 20.83 6.51 1.22
C ASN A 58 20.09 5.65 2.24
N CYS A 59 20.41 4.36 2.33
CA CYS A 59 19.90 3.59 3.47
C CYS A 59 20.60 3.97 4.76
N ASP A 60 21.90 4.31 4.69
CA ASP A 60 22.60 4.79 5.89
C ASP A 60 21.98 6.09 6.40
N SER A 61 21.65 7.00 5.48
N SER A 61 21.63 7.00 5.48
CA SER A 61 20.99 8.25 5.85
CA SER A 61 21.00 8.25 5.91
C SER A 61 19.65 7.97 6.52
C SER A 61 19.63 7.99 6.52
N ARG A 62 18.85 7.08 5.94
CA ARG A 62 17.54 6.74 6.51
C ARG A 62 17.67 6.14 7.89
N TYR A 63 18.76 5.42 8.16
CA TYR A 63 18.95 4.82 9.48
C TYR A 63 19.24 5.87 10.55
N ASP A 64 19.77 7.03 10.17
CA ASP A 64 20.06 8.10 11.13
C ASP A 64 18.80 8.81 11.59
N THR A 65 17.86 9.08 10.69
CA THR A 65 16.76 9.98 10.99
C THR A 65 15.38 9.39 10.71
N MET A 66 15.29 8.12 10.32
CA MET A 66 14.03 7.42 10.11
C MET A 66 14.12 5.99 10.64
N ARG A 67 14.70 5.83 11.83
CA ARG A 67 15.14 4.51 12.29
C ARG A 67 13.96 3.59 12.62
N ARG A 68 12.82 4.13 13.05
CA ARG A 68 11.68 3.26 13.33
C ARG A 68 11.17 2.55 12.07
N LEU A 69 11.52 3.06 10.89
CA LEU A 69 11.22 2.39 9.63
C LEU A 69 12.33 1.43 9.20
N MET A 70 13.28 1.14 10.09
CA MET A 70 14.39 0.24 9.77
C MET A 70 14.72 -0.71 10.92
N SER A 71 13.97 -0.68 12.02
CA SER A 71 14.36 -1.33 13.27
C SER A 71 13.16 -1.39 14.20
N SER A 72 13.09 -2.45 15.00
CA SER A 72 12.04 -2.57 16.00
C SER A 72 12.51 -2.23 17.40
N ARG A 73 13.76 -1.81 17.58
CA ARG A 73 14.28 -1.71 18.94
C ARG A 73 13.57 -0.62 19.74
N ASP A 74 12.99 0.38 19.09
CA ASP A 74 12.34 1.49 19.77
C ASP A 74 10.82 1.50 19.62
N TRP A 75 10.23 0.42 19.13
CA TRP A 75 8.78 0.40 18.94
C TRP A 75 8.06 0.41 20.28
N PRO A 76 6.93 1.12 20.39
CA PRO A 76 6.13 1.09 21.61
C PRO A 76 5.30 -0.18 21.71
N ARG A 77 4.85 -0.46 22.94
CA ARG A 77 4.14 -1.71 23.19
C ARG A 77 2.72 -1.71 22.65
N THR A 78 2.12 -0.54 22.43
CA THR A 78 0.74 -0.46 21.92
C THR A 78 0.64 0.62 20.87
N ARG A 79 -0.45 0.55 20.10
CA ARG A 79 -0.83 1.51 19.07
C ARG A 79 -2.34 1.69 19.09
N THR A 80 -2.79 2.93 18.89
CA THR A 80 -4.22 3.20 18.76
C THR A 80 -4.67 2.98 17.33
N GLY A 81 -5.75 2.23 17.16
CA GLY A 81 -6.32 2.04 15.82
C GLY A 81 -7.13 3.26 15.41
N THR A 82 -6.89 3.73 14.19
CA THR A 82 -7.53 4.93 13.66
C THR A 82 -8.09 4.64 12.28
N GLY A 83 -9.15 5.36 11.92
CA GLY A 83 -9.77 5.15 10.61
C GLY A 83 -10.33 3.75 10.49
N ILE A 84 -9.95 3.06 9.41
CA ILE A 84 -10.41 1.70 9.15
C ILE A 84 -9.90 0.72 10.21
N LEU A 85 -8.89 1.10 10.99
CA LEU A 85 -8.41 0.27 12.09
C LEU A 85 -9.08 0.60 13.42
N SER A 86 -10.03 1.53 13.45
CA SER A 86 -10.72 1.87 14.68
C SER A 86 -11.83 0.86 14.98
N SER A 87 -12.04 0.60 16.27
CA SER A 87 -13.08 -0.31 16.73
C SER A 87 -14.38 0.40 17.12
N GLN A 88 -14.44 1.74 17.00
CA GLN A 88 -15.66 2.49 17.32
C GLN A 88 -16.48 2.70 16.05
N PRO A 89 -17.77 2.32 16.05
CA PRO A 89 -18.56 2.50 14.82
C PRO A 89 -18.70 3.95 14.39
N GLU A 90 -18.60 4.89 15.34
CA GLU A 90 -18.66 6.31 14.97
C GLU A 90 -17.50 6.70 14.07
N GLU A 91 -16.33 6.09 14.27
CA GLU A 91 -15.15 6.41 13.46
C GLU A 91 -15.00 5.47 12.26
N ASN A 92 -15.53 4.25 12.35
CA ASN A 92 -15.31 3.22 11.33
C ASN A 92 -16.63 2.55 11.02
N PRO A 93 -17.45 3.14 10.14
CA PRO A 93 -18.73 2.52 9.79
C PRO A 93 -18.59 1.20 9.04
N TYR A 94 -17.42 0.93 8.47
CA TYR A 94 -17.23 -0.22 7.60
C TYR A 94 -17.00 -1.52 8.38
N TRP A 95 -15.90 -1.59 9.13
CA TRP A 95 -15.44 -2.85 9.72
C TRP A 95 -15.06 -2.69 11.19
N TRP A 96 -15.87 -1.96 11.97
CA TRP A 96 -15.49 -1.65 13.35
C TRP A 96 -15.39 -2.88 14.25
N ASN A 97 -16.07 -3.98 13.92
CA ASN A 97 -16.03 -5.17 14.76
C ASN A 97 -15.00 -6.21 14.30
N ALA A 98 -14.12 -5.86 13.38
CA ALA A 98 -13.19 -6.83 12.82
C ALA A 98 -11.98 -7.03 13.74
N ASN A 99 -11.28 -8.14 13.53
CA ASN A 99 -9.95 -8.35 14.09
C ASN A 99 -8.96 -7.44 13.37
N MET A 100 -8.17 -6.68 14.13
CA MET A 100 -7.36 -5.60 13.58
C MET A 100 -5.87 -5.87 13.73
N VAL A 101 -5.12 -5.72 12.63
CA VAL A 101 -3.67 -5.93 12.64
C VAL A 101 -2.98 -4.79 11.90
N PHE A 102 -1.97 -4.20 12.53
CA PHE A 102 -1.10 -3.17 11.95
C PHE A 102 0.31 -3.77 11.83
N ILE A 103 0.83 -3.85 10.61
CA ILE A 103 2.15 -4.42 10.37
C ILE A 103 3.11 -3.28 10.09
N PRO A 104 4.03 -2.96 11.00
CA PRO A 104 4.97 -1.86 10.76
C PRO A 104 5.91 -2.14 9.58
N TYR A 105 6.19 -1.06 8.84
CA TYR A 105 7.10 -1.07 7.69
C TYR A 105 8.52 -0.82 8.19
N CYS A 106 9.33 -1.88 8.23
CA CYS A 106 10.72 -1.74 8.67
C CYS A 106 11.70 -2.41 7.71
N SER A 107 11.32 -2.56 6.43
CA SER A 107 12.18 -3.21 5.44
C SER A 107 12.59 -2.32 4.27
N SER A 108 11.99 -1.14 4.10
CA SER A 108 12.47 -0.13 3.15
C SER A 108 12.54 -0.64 1.71
N ASP A 109 11.65 -1.58 1.36
CA ASP A 109 11.71 -2.29 0.07
C ASP A 109 10.37 -2.36 -0.64
N VAL A 110 9.42 -1.51 -0.26
CA VAL A 110 8.06 -1.43 -0.80
C VAL A 110 7.44 -2.83 -0.62
N TRP A 111 7.84 -3.52 0.45
CA TRP A 111 7.29 -4.82 0.83
C TRP A 111 7.61 -5.93 -0.18
N SER A 112 8.72 -5.81 -0.92
CA SER A 112 9.07 -6.73 -1.99
C SER A 112 10.27 -7.63 -1.70
N GLY A 113 11.00 -7.39 -0.62
CA GLY A 113 12.32 -7.99 -0.47
C GLY A 113 12.30 -9.41 0.06
N ALA A 114 13.36 -10.15 -0.27
CA ALA A 114 13.60 -11.49 0.25
C ALA A 114 15.11 -11.72 0.35
N SER A 115 15.76 -10.97 1.23
N SER A 115 15.78 -10.94 1.19
CA SER A 115 17.21 -11.01 1.37
CA SER A 115 17.22 -11.09 1.38
C SER A 115 17.60 -10.75 2.82
C SER A 115 17.57 -10.78 2.82
N SER A 116 18.43 -11.62 3.39
CA SER A 116 18.83 -11.52 4.78
C SER A 116 20.11 -10.70 4.93
N LYS A 117 20.28 -10.12 6.12
CA LYS A 117 21.57 -9.53 6.47
C LYS A 117 22.63 -10.63 6.54
N SER A 118 23.79 -10.34 5.97
CA SER A 118 24.85 -11.33 5.85
C SER A 118 26.18 -10.59 5.77
N GLU A 119 27.27 -11.32 5.59
CA GLU A 119 28.53 -10.61 5.49
C GLU A 119 28.74 -9.98 4.12
N LYS A 120 27.85 -10.26 3.17
CA LYS A 120 27.72 -9.56 1.90
C LYS A 120 26.75 -8.39 1.95
N ASN A 121 25.80 -8.42 2.89
CA ASN A 121 24.67 -7.48 2.90
C ASN A 121 24.65 -6.74 4.23
N GLU A 122 24.86 -5.42 4.19
CA GLU A 122 24.80 -4.64 5.44
C GLU A 122 23.38 -4.61 6.01
N TYR A 123 22.37 -4.63 5.16
CA TYR A 123 20.98 -4.56 5.60
C TYR A 123 20.20 -5.77 5.10
N ALA A 124 19.14 -6.10 5.82
CA ALA A 124 18.18 -7.11 5.41
C ALA A 124 16.98 -6.43 4.78
N PHE A 125 16.47 -7.02 3.69
CA PHE A 125 15.28 -6.52 3.01
C PHE A 125 14.31 -7.70 2.89
N MET A 126 13.36 -7.80 3.82
CA MET A 126 12.58 -9.03 3.99
C MET A 126 11.07 -8.77 3.94
N GLY A 127 10.63 -7.70 3.27
CA GLY A 127 9.23 -7.30 3.35
C GLY A 127 8.25 -8.38 2.91
N ALA A 128 8.55 -9.08 1.81
CA ALA A 128 7.63 -10.12 1.34
C ALA A 128 7.58 -11.28 2.32
N LEU A 129 8.71 -11.58 2.99
CA LEU A 129 8.75 -12.66 3.97
C LEU A 129 8.12 -12.24 5.29
N ILE A 130 8.16 -10.96 5.64
CA ILE A 130 7.49 -10.49 6.85
C ILE A 130 5.99 -10.73 6.74
N ILE A 131 5.39 -10.40 5.59
CA ILE A 131 3.96 -10.60 5.41
C ILE A 131 3.60 -12.07 5.56
N GLN A 132 4.38 -12.97 4.93
CA GLN A 132 4.09 -14.39 5.01
C GLN A 132 4.21 -14.92 6.43
N GLU A 133 5.19 -14.42 7.20
CA GLU A 133 5.38 -14.93 8.55
C GLU A 133 4.32 -14.41 9.51
N VAL A 134 3.87 -13.16 9.31
CA VAL A 134 2.75 -12.65 10.10
C VAL A 134 1.51 -13.50 9.89
N VAL A 135 1.18 -13.81 8.63
CA VAL A 135 0.02 -14.64 8.34
C VAL A 135 0.16 -16.00 9.01
N ARG A 136 1.36 -16.60 8.95
CA ARG A 136 1.56 -17.92 9.54
C ARG A 136 1.30 -17.90 11.05
N GLU A 137 1.85 -16.92 11.75
CA GLU A 137 1.71 -16.91 13.21
C GLU A 137 0.30 -16.49 13.64
N LEU A 138 -0.40 -15.70 12.82
CA LEU A 138 -1.79 -15.35 13.15
C LEU A 138 -2.72 -16.53 13.03
N LEU A 139 -2.40 -17.51 12.19
CA LEU A 139 -3.27 -18.69 12.07
C LEU A 139 -3.40 -19.42 13.39
N GLY A 140 -2.39 -19.34 14.25
CA GLY A 140 -2.50 -19.89 15.59
C GLY A 140 -3.26 -19.04 16.58
N ARG A 141 -3.63 -17.82 16.21
CA ARG A 141 -4.30 -16.89 17.11
C ARG A 141 -5.72 -16.57 16.67
N GLY A 142 -6.31 -17.36 15.78
CA GLY A 142 -7.68 -17.21 15.37
C GLY A 142 -7.90 -17.01 13.88
N LEU A 143 -6.87 -16.66 13.12
CA LEU A 143 -7.05 -16.47 11.68
C LEU A 143 -7.50 -17.74 10.98
N SER A 144 -7.25 -18.91 11.59
CA SER A 144 -7.70 -20.17 11.01
C SER A 144 -9.22 -20.23 10.85
N GLY A 145 -9.97 -19.47 11.63
CA GLY A 145 -11.41 -19.44 11.55
C GLY A 145 -12.00 -18.33 10.71
N ALA A 146 -11.19 -17.60 9.96
CA ALA A 146 -11.66 -16.43 9.23
C ALA A 146 -12.51 -16.81 8.03
N LYS A 147 -13.41 -15.89 7.65
CA LYS A 147 -14.08 -15.99 6.36
C LYS A 147 -13.53 -15.01 5.33
N VAL A 148 -13.03 -13.85 5.77
CA VAL A 148 -12.41 -12.87 4.87
C VAL A 148 -11.13 -12.36 5.51
N LEU A 149 -10.05 -12.32 4.71
CA LEU A 149 -8.80 -11.66 5.09
C LEU A 149 -8.62 -10.50 4.12
N LEU A 150 -8.70 -9.27 4.63
CA LEU A 150 -8.51 -8.08 3.81
C LEU A 150 -7.10 -7.54 4.05
N LEU A 151 -6.26 -7.63 3.01
CA LEU A 151 -4.91 -7.08 3.07
C LEU A 151 -4.94 -5.65 2.54
N ALA A 152 -4.75 -4.67 3.43
CA ALA A 152 -4.84 -3.25 3.10
C ALA A 152 -3.49 -2.57 3.32
N GLY A 153 -3.37 -1.34 2.81
CA GLY A 153 -2.14 -0.57 3.00
C GLY A 153 -2.21 0.78 2.33
N SER A 154 -1.38 1.71 2.84
CA SER A 154 -1.30 3.08 2.34
C SER A 154 0.11 3.40 1.83
N SER A 155 0.16 4.17 0.73
CA SER A 155 1.40 4.65 0.10
CA SER A 155 1.40 4.65 0.11
C SER A 155 2.25 3.44 -0.26
N ALA A 156 3.49 3.33 0.23
CA ALA A 156 4.30 2.16 -0.10
C ALA A 156 3.60 0.87 0.32
N GLY A 157 2.78 0.93 1.37
CA GLY A 157 1.99 -0.22 1.75
C GLY A 157 0.87 -0.53 0.77
N GLY A 158 0.36 0.49 0.09
CA GLY A 158 -0.63 0.26 -0.95
C GLY A 158 -0.04 -0.47 -2.14
N THR A 159 1.15 -0.05 -2.59
CA THR A 159 1.85 -0.81 -3.62
C THR A 159 2.15 -2.22 -3.12
N GLY A 160 2.47 -2.35 -1.83
CA GLY A 160 2.74 -3.67 -1.26
C GLY A 160 1.55 -4.61 -1.33
N VAL A 161 0.33 -4.07 -1.21
CA VAL A 161 -0.87 -4.89 -1.41
C VAL A 161 -0.87 -5.50 -2.80
N LEU A 162 -0.63 -4.67 -3.82
CA LEU A 162 -0.63 -5.15 -5.19
C LEU A 162 0.43 -6.22 -5.40
N LEU A 163 1.58 -6.08 -4.74
CA LEU A 163 2.65 -7.04 -4.94
C LEU A 163 2.46 -8.34 -4.18
N ASN A 164 1.63 -8.36 -3.13
CA ASN A 164 1.58 -9.50 -2.22
C ASN A 164 0.22 -10.18 -2.05
N VAL A 165 -0.87 -9.61 -2.54
CA VAL A 165 -2.19 -10.16 -2.20
C VAL A 165 -2.37 -11.56 -2.79
N ASP A 166 -1.89 -11.79 -4.02
CA ASP A 166 -2.03 -13.13 -4.59
C ASP A 166 -1.08 -14.13 -3.93
N ARG A 167 0.03 -13.68 -3.35
CA ARG A 167 0.90 -14.63 -2.65
C ARG A 167 0.31 -15.06 -1.32
N VAL A 168 -0.41 -14.17 -0.64
CA VAL A 168 -1.11 -14.55 0.58
C VAL A 168 -2.21 -15.56 0.26
N ALA A 169 -2.93 -15.35 -0.84
CA ALA A 169 -3.97 -16.28 -1.24
C ALA A 169 -3.40 -17.67 -1.52
N GLU A 170 -2.24 -17.72 -2.20
CA GLU A 170 -1.60 -19.00 -2.51
C GLU A 170 -1.08 -19.67 -1.24
N GLN A 171 -0.53 -18.88 -0.31
CA GLN A 171 -0.03 -19.42 0.95
C GLN A 171 -1.14 -20.11 1.73
N LEU A 172 -2.31 -19.47 1.82
CA LEU A 172 -3.40 -20.06 2.59
C LEU A 172 -3.97 -21.30 1.89
N GLU A 173 -3.99 -21.30 0.55
CA GLU A 173 -4.43 -22.49 -0.16
C GLU A 173 -3.50 -23.67 0.10
N LYS A 174 -2.18 -23.43 0.02
CA LYS A 174 -1.21 -24.51 0.22
C LYS A 174 -1.13 -24.97 1.66
N LEU A 175 -1.55 -24.16 2.63
CA LEU A 175 -1.57 -24.57 4.03
C LEU A 175 -2.87 -25.27 4.42
N GLY A 176 -3.83 -25.39 3.50
CA GLY A 176 -5.05 -26.12 3.77
C GLY A 176 -6.23 -25.30 4.21
N TYR A 177 -6.26 -24.00 3.92
CA TYR A 177 -7.37 -23.12 4.27
C TYR A 177 -7.97 -22.52 3.00
N PRO A 178 -8.61 -23.34 2.15
CA PRO A 178 -9.18 -22.79 0.91
C PRO A 178 -10.46 -21.99 1.13
N ALA A 179 -11.01 -21.97 2.34
CA ALA A 179 -12.28 -21.27 2.59
C ALA A 179 -12.10 -19.80 2.94
N ILE A 180 -10.88 -19.37 3.27
CA ILE A 180 -10.62 -17.98 3.61
C ILE A 180 -10.53 -17.18 2.32
N GLN A 181 -11.41 -16.18 2.16
CA GLN A 181 -11.38 -15.34 0.98
C GLN A 181 -10.39 -14.20 1.19
N VAL A 182 -9.32 -14.16 0.39
CA VAL A 182 -8.31 -13.10 0.45
C VAL A 182 -8.66 -12.00 -0.53
N ARG A 183 -8.60 -10.75 -0.06
CA ARG A 183 -8.92 -9.57 -0.86
C ARG A 183 -7.90 -8.48 -0.54
N GLY A 184 -7.82 -7.47 -1.41
CA GLY A 184 -6.87 -6.39 -1.24
C GLY A 184 -7.51 -5.02 -1.28
N LEU A 185 -6.93 -4.07 -0.53
CA LEU A 185 -7.35 -2.67 -0.52
C LEU A 185 -6.10 -1.81 -0.61
N ALA A 186 -5.87 -1.20 -1.78
CA ALA A 186 -4.64 -0.45 -2.05
C ALA A 186 -4.96 1.06 -2.06
N ASP A 187 -4.41 1.77 -1.08
CA ASP A 187 -4.64 3.20 -0.86
C ASP A 187 -3.36 3.97 -1.19
N SER A 188 -3.46 4.88 -2.16
CA SER A 188 -2.37 5.79 -2.50
C SER A 188 -1.12 5.05 -2.98
N GLY A 189 -1.31 3.91 -3.65
CA GLY A 189 -0.20 3.14 -4.16
C GLY A 189 -0.25 2.90 -5.66
N TRP A 190 -1.03 3.71 -6.37
CA TRP A 190 -1.31 3.55 -7.80
C TRP A 190 -0.67 4.73 -8.54
N PHE A 191 0.55 4.52 -9.05
CA PHE A 191 1.35 5.59 -9.63
C PHE A 191 1.55 5.40 -11.13
N LEU A 192 1.89 6.50 -11.79
CA LEU A 192 2.16 6.54 -13.22
C LEU A 192 3.64 6.73 -13.47
N ASP A 193 4.19 5.96 -14.41
CA ASP A 193 5.57 6.18 -14.87
C ASP A 193 5.58 7.17 -16.03
N ASN A 194 5.14 8.39 -15.72
CA ASN A 194 4.92 9.43 -16.72
C ASN A 194 6.14 10.34 -16.86
N LYS A 195 6.09 11.21 -17.86
CA LYS A 195 7.11 12.22 -18.01
C LYS A 195 6.99 13.29 -16.94
N GLN A 196 8.12 13.72 -16.41
CA GLN A 196 8.15 14.69 -15.34
C GLN A 196 7.99 16.11 -15.89
N TYR A 197 7.53 17.02 -15.03
CA TYR A 197 7.36 18.41 -15.45
C TYR A 197 8.72 19.07 -15.67
N ARG A 198 9.70 18.77 -14.82
CA ARG A 198 11.11 19.10 -15.03
C ARG A 198 11.93 17.85 -14.67
N HIS A 199 13.07 17.64 -15.33
CA HIS A 199 13.75 16.37 -15.16
C HIS A 199 15.26 16.49 -15.22
N THR A 200 15.91 15.41 -14.74
CA THR A 200 17.36 15.30 -14.57
C THR A 200 17.76 13.83 -14.74
N ASP A 201 19.02 13.60 -15.11
CA ASP A 201 19.55 12.25 -15.22
C ASP A 201 19.87 11.68 -13.84
N CYS A 202 19.75 10.35 -13.72
CA CYS A 202 19.87 9.66 -12.43
C CYS A 202 21.35 9.49 -12.08
N VAL A 203 21.82 10.30 -11.12
CA VAL A 203 23.22 10.26 -10.67
C VAL A 203 23.23 10.21 -9.15
N ASP A 204 22.10 10.50 -8.52
CA ASP A 204 21.99 10.59 -7.07
C ASP A 204 20.52 10.52 -6.69
N THR A 205 20.26 10.49 -5.38
CA THR A 205 18.90 10.27 -4.89
C THR A 205 17.92 11.33 -5.41
N ILE A 206 18.35 12.60 -5.41
CA ILE A 206 17.45 13.69 -5.80
C ILE A 206 17.06 13.63 -7.27
N THR A 207 17.93 13.10 -8.12
CA THR A 207 17.72 13.18 -9.56
C THR A 207 17.19 11.91 -10.19
N CYS A 208 17.17 10.79 -9.46
CA CYS A 208 16.81 9.51 -10.04
CA CYS A 208 16.81 9.51 -10.04
C CYS A 208 15.29 9.36 -10.10
N ALA A 209 14.75 9.29 -11.32
CA ALA A 209 13.32 9.14 -11.52
C ALA A 209 12.83 7.82 -10.93
N PRO A 210 11.52 7.72 -10.65
CA PRO A 210 11.00 6.49 -10.03
C PRO A 210 11.43 5.19 -10.70
N THR A 211 11.34 5.12 -12.03
CA THR A 211 11.64 3.85 -12.71
C THR A 211 13.09 3.45 -12.51
N GLU A 212 14.02 4.41 -12.52
CA GLU A 212 15.41 4.02 -12.42
C GLU A 212 15.75 3.67 -10.96
N ALA A 213 15.17 4.38 -10.00
CA ALA A 213 15.42 4.07 -8.60
C ALA A 213 14.82 2.72 -8.20
N ILE A 214 13.62 2.40 -8.71
CA ILE A 214 13.03 1.10 -8.43
C ILE A 214 13.84 -0.02 -9.08
N ARG A 215 14.35 0.21 -10.28
CA ARG A 215 15.18 -0.81 -10.94
C ARG A 215 16.41 -1.12 -10.10
N ARG A 216 17.07 -0.10 -9.56
CA ARG A 216 18.21 -0.34 -8.67
C ARG A 216 17.79 -1.00 -7.38
N GLY A 217 16.64 -0.58 -6.82
CA GLY A 217 16.18 -1.17 -5.57
C GLY A 217 15.93 -2.66 -5.68
N ILE A 218 15.26 -3.08 -6.75
CA ILE A 218 14.94 -4.50 -6.91
C ILE A 218 16.20 -5.35 -6.86
N ARG A 219 17.28 -4.89 -7.49
CA ARG A 219 18.52 -5.66 -7.46
C ARG A 219 19.16 -5.61 -6.07
N TYR A 220 19.12 -4.45 -5.40
CA TYR A 220 19.68 -4.31 -4.06
C TYR A 220 18.93 -5.15 -3.04
N TRP A 221 17.61 -5.30 -3.21
CA TRP A 221 16.76 -5.99 -2.23
C TRP A 221 16.57 -7.47 -2.51
N ASN A 222 16.94 -7.95 -3.70
CA ASN A 222 16.43 -9.21 -4.23
C ASN A 222 14.90 -9.19 -4.20
N GLY A 223 14.33 -8.18 -4.85
CA GLY A 223 12.90 -7.97 -4.78
C GLY A 223 12.12 -8.97 -5.61
N VAL A 224 10.89 -9.24 -5.15
CA VAL A 224 10.00 -10.26 -5.73
C VAL A 224 8.72 -9.59 -6.21
N VAL A 225 8.22 -10.03 -7.36
CA VAL A 225 6.99 -9.50 -7.95
C VAL A 225 6.05 -10.67 -8.22
N PRO A 226 4.75 -10.39 -8.42
CA PRO A 226 3.80 -11.48 -8.70
C PRO A 226 4.16 -12.24 -9.98
N GLU A 227 3.86 -13.54 -9.96
CA GLU A 227 4.43 -14.45 -10.95
C GLU A 227 3.92 -14.18 -12.35
N ARG A 228 2.60 -13.98 -12.51
CA ARG A 228 2.07 -13.74 -13.86
C ARG A 228 2.63 -12.45 -14.46
N CYS A 229 2.72 -11.40 -13.64
CA CYS A 229 3.34 -10.16 -14.11
C CYS A 229 4.80 -10.37 -14.47
N ARG A 230 5.54 -11.10 -13.62
CA ARG A 230 6.94 -11.40 -13.92
C ARG A 230 7.09 -12.11 -15.25
N ARG A 231 6.16 -13.03 -15.56
CA ARG A 231 6.26 -13.79 -16.80
C ARG A 231 5.97 -12.93 -18.03
N GLN A 232 5.16 -11.87 -17.86
CA GLN A 232 4.88 -10.99 -18.99
C GLN A 232 6.10 -10.13 -19.33
N PHE A 233 6.71 -9.51 -18.34
CA PHE A 233 7.75 -8.51 -18.58
C PHE A 233 9.16 -9.12 -18.58
N GLN A 234 9.35 -10.24 -17.88
CA GLN A 234 10.56 -11.06 -17.93
C GLN A 234 11.79 -10.41 -17.32
N GLU A 235 12.91 -11.13 -17.37
CA GLU A 235 14.15 -10.75 -16.69
C GLU A 235 14.60 -9.33 -17.03
N GLY A 236 14.99 -8.60 -15.98
CA GLY A 236 15.44 -7.22 -16.09
C GLY A 236 14.34 -6.19 -16.11
N GLU A 237 13.08 -6.58 -16.27
CA GLU A 237 11.98 -5.64 -16.44
C GLU A 237 10.94 -5.74 -15.32
N GLU A 238 11.31 -6.36 -14.19
CA GLU A 238 10.36 -6.54 -13.09
C GLU A 238 9.87 -5.22 -12.53
N TRP A 239 10.60 -4.12 -12.74
CA TRP A 239 10.17 -2.82 -12.22
C TRP A 239 8.79 -2.42 -12.73
N ASN A 240 8.38 -2.95 -13.89
CA ASN A 240 7.05 -2.64 -14.43
C ASN A 240 5.95 -3.05 -13.46
N CYS A 241 6.16 -4.13 -12.70
CA CYS A 241 5.11 -4.66 -11.84
C CYS A 241 4.89 -3.83 -10.58
N PHE A 242 5.72 -2.82 -10.33
CA PHE A 242 5.47 -1.87 -9.25
C PHE A 242 4.45 -0.80 -9.62
N PHE A 243 3.96 -0.79 -10.86
CA PHE A 243 3.04 0.25 -11.32
C PHE A 243 1.65 -0.34 -11.48
N GLY A 244 0.68 0.24 -10.77
CA GLY A 244 -0.62 -0.41 -10.59
C GLY A 244 -1.29 -0.79 -11.88
N TYR A 245 -1.32 0.12 -12.86
CA TYR A 245 -2.06 -0.18 -14.09
C TYR A 245 -1.45 -1.31 -14.89
N LYS A 246 -0.21 -1.70 -14.59
CA LYS A 246 0.43 -2.84 -15.25
C LYS A 246 0.29 -4.14 -14.46
N VAL A 247 0.35 -4.09 -13.12
CA VAL A 247 0.27 -5.33 -12.36
C VAL A 247 -1.18 -5.73 -12.08
N TYR A 248 -2.09 -4.77 -11.91
CA TYR A 248 -3.48 -5.09 -11.56
C TYR A 248 -4.15 -6.06 -12.52
N PRO A 249 -4.05 -5.92 -13.84
CA PRO A 249 -4.72 -6.89 -14.72
C PRO A 249 -4.22 -8.32 -14.56
N THR A 250 -3.07 -8.53 -13.94
CA THR A 250 -2.53 -9.87 -13.76
C THR A 250 -3.01 -10.54 -12.48
N LEU A 251 -3.73 -9.81 -11.62
CA LEU A 251 -4.08 -10.32 -10.31
C LEU A 251 -5.42 -11.05 -10.33
N ARG A 252 -5.55 -11.99 -9.42
CA ARG A 252 -6.72 -12.85 -9.35
C ARG A 252 -7.60 -12.54 -8.15
N SER A 253 -7.00 -12.12 -7.05
CA SER A 253 -7.75 -11.72 -5.88
C SER A 253 -8.49 -10.41 -6.16
N PRO A 254 -9.70 -10.24 -5.64
CA PRO A 254 -10.37 -8.94 -5.75
C PRO A 254 -9.59 -7.85 -5.04
N VAL A 255 -9.41 -6.71 -5.72
CA VAL A 255 -8.66 -5.57 -5.18
C VAL A 255 -9.48 -4.29 -5.37
N PHE A 256 -9.69 -3.54 -4.28
CA PHE A 256 -10.30 -2.22 -4.31
C PHE A 256 -9.19 -1.17 -4.30
N VAL A 257 -9.26 -0.22 -5.23
CA VAL A 257 -8.20 0.77 -5.44
C VAL A 257 -8.70 2.15 -4.99
N VAL A 258 -8.04 2.72 -3.98
CA VAL A 258 -8.29 4.09 -3.54
C VAL A 258 -7.12 4.96 -4.00
N GLN A 259 -7.41 6.03 -4.75
CA GLN A 259 -6.32 6.84 -5.31
C GLN A 259 -6.79 8.27 -5.55
N TRP A 260 -6.23 9.24 -4.81
CA TRP A 260 -6.41 10.64 -5.17
C TRP A 260 -5.92 10.88 -6.60
N LEU A 261 -6.67 11.69 -7.36
CA LEU A 261 -6.27 11.93 -8.75
C LEU A 261 -5.04 12.82 -8.84
N PHE A 262 -4.80 13.65 -7.84
CA PHE A 262 -3.64 14.53 -7.79
C PHE A 262 -2.83 14.21 -6.53
N ASP A 263 -2.27 13.00 -6.49
CA ASP A 263 -1.57 12.53 -5.31
C ASP A 263 -0.29 13.32 -5.08
N GLU A 264 -0.07 13.75 -3.84
CA GLU A 264 1.08 14.59 -3.52
C GLU A 264 2.40 13.88 -3.78
N ALA A 265 2.45 12.55 -3.60
CA ALA A 265 3.68 11.82 -3.89
C ALA A 265 3.91 11.71 -5.39
N GLN A 266 2.83 11.56 -6.17
CA GLN A 266 2.97 11.58 -7.63
C GLN A 266 3.51 12.92 -8.10
N LEU A 267 2.98 14.02 -7.57
CA LEU A 267 3.48 15.33 -7.97
C LEU A 267 4.93 15.52 -7.55
N THR A 268 5.33 14.97 -6.40
CA THR A 268 6.71 15.09 -5.95
C THR A 268 7.68 14.42 -6.91
N VAL A 269 7.38 13.18 -7.32
CA VAL A 269 8.27 12.50 -8.26
C VAL A 269 8.21 13.13 -9.65
N ASP A 270 7.16 13.89 -9.95
CA ASP A 270 7.07 14.63 -11.21
C ASP A 270 7.68 16.01 -11.14
N ASN A 271 8.25 16.40 -9.99
CA ASN A 271 8.90 17.71 -9.82
C ASN A 271 7.90 18.86 -10.02
N VAL A 272 6.73 18.71 -9.40
CA VAL A 272 5.70 19.75 -9.38
C VAL A 272 5.54 20.26 -7.96
N HIS A 273 5.65 21.58 -7.78
CA HIS A 273 5.39 22.23 -6.50
C HIS A 273 4.33 23.30 -6.69
N LEU A 274 3.23 23.19 -5.95
CA LEU A 274 2.17 24.19 -5.97
C LEU A 274 2.42 25.15 -4.81
N THR A 275 3.09 26.26 -5.12
CA THR A 275 3.56 27.18 -4.11
C THR A 275 3.52 28.63 -4.58
N PRO A 278 0.39 31.48 -8.57
CA PRO A 278 -0.16 31.77 -9.90
C PRO A 278 0.32 30.77 -10.96
N VAL A 279 -0.53 29.80 -11.30
CA VAL A 279 -0.16 28.70 -12.17
C VAL A 279 -0.29 29.13 -13.63
N GLN A 280 0.82 29.15 -14.37
CA GLN A 280 0.74 29.45 -15.80
C GLN A 280 0.32 28.23 -16.62
N GLU A 281 0.25 28.44 -17.94
CA GLU A 281 -0.45 27.53 -18.84
C GLU A 281 0.25 26.19 -18.96
N GLY A 282 1.59 26.18 -19.01
CA GLY A 282 2.29 24.92 -19.13
C GLY A 282 2.03 23.98 -17.97
N LEU A 283 2.05 24.52 -16.75
CA LEU A 283 1.79 23.70 -15.58
C LEU A 283 0.31 23.35 -15.46
N ARG A 284 -0.57 24.26 -15.87
CA ARG A 284 -2.00 23.96 -15.86
C ARG A 284 -2.30 22.77 -16.75
N LEU A 285 -1.76 22.77 -17.97
CA LEU A 285 -1.97 21.65 -18.88
C LEU A 285 -1.35 20.37 -18.34
N TYR A 286 -0.17 20.47 -17.70
CA TYR A 286 0.45 19.28 -17.13
C TYR A 286 -0.45 18.65 -16.06
N ILE A 287 -0.99 19.48 -15.16
CA ILE A 287 -1.80 18.96 -14.06
C ILE A 287 -3.11 18.38 -14.57
N GLN A 288 -3.75 19.04 -15.55
CA GLN A 288 -4.99 18.52 -16.08
C GLN A 288 -4.74 17.20 -16.83
N ASN A 289 -3.61 17.08 -17.52
CA ASN A 289 -3.30 15.84 -18.23
C ASN A 289 -2.99 14.70 -17.27
N LEU A 290 -2.39 15.00 -16.11
CA LEU A 290 -2.14 13.95 -15.12
C LEU A 290 -3.45 13.39 -14.59
N GLY A 291 -4.40 14.25 -14.25
CA GLY A 291 -5.69 13.77 -13.79
C GLY A 291 -6.41 12.94 -14.83
N ARG A 292 -6.34 13.35 -16.09
CA ARG A 292 -7.00 12.63 -17.18
C ARG A 292 -6.36 11.25 -17.37
N GLU A 293 -5.03 11.18 -17.27
CA GLU A 293 -4.34 9.90 -17.44
C GLU A 293 -4.67 8.94 -16.31
N LEU A 294 -4.68 9.43 -15.06
N LEU A 294 -4.69 9.42 -15.06
CA LEU A 294 -5.04 8.58 -13.92
CA LEU A 294 -5.03 8.53 -13.96
C LEU A 294 -6.46 8.07 -14.05
C LEU A 294 -6.47 8.05 -14.07
N ARG A 295 -7.39 8.95 -14.44
CA ARG A 295 -8.77 8.55 -14.66
C ARG A 295 -8.86 7.47 -15.73
N HIS A 296 -8.05 7.59 -16.79
CA HIS A 296 -8.07 6.60 -17.86
C HIS A 296 -7.63 5.23 -17.35
N THR A 297 -6.58 5.18 -16.51
CA THR A 297 -6.10 3.89 -16.01
C THR A 297 -7.11 3.20 -15.09
N LEU A 298 -8.07 3.92 -14.52
CA LEU A 298 -9.06 3.34 -13.61
C LEU A 298 -10.37 3.00 -14.30
N LYS A 299 -10.49 3.28 -15.59
CA LYS A 299 -11.78 3.19 -16.26
C LYS A 299 -12.35 1.78 -16.22
N ASP A 300 -11.48 0.76 -16.23
CA ASP A 300 -11.89 -0.63 -16.19
C ASP A 300 -11.52 -1.32 -14.87
N VAL A 301 -11.43 -0.55 -13.79
CA VAL A 301 -11.22 -1.09 -12.45
C VAL A 301 -12.57 -1.00 -11.74
N PRO A 302 -13.29 -2.12 -11.57
CA PRO A 302 -14.69 -2.02 -11.12
C PRO A 302 -14.86 -1.65 -9.66
N ALA A 303 -13.85 -1.80 -8.81
CA ALA A 303 -13.93 -1.40 -7.41
C ALA A 303 -12.86 -0.33 -7.17
N SER A 304 -13.27 0.94 -7.15
CA SER A 304 -12.30 2.03 -7.04
C SER A 304 -12.96 3.27 -6.47
N PHE A 305 -12.14 4.13 -5.85
CA PHE A 305 -12.60 5.38 -5.23
C PHE A 305 -11.50 6.40 -5.48
N ALA A 306 -11.77 7.39 -6.34
CA ALA A 306 -10.74 8.29 -6.84
C ALA A 306 -11.21 9.74 -6.91
N PRO A 307 -11.09 10.49 -5.81
CA PRO A 307 -11.56 11.87 -5.79
C PRO A 307 -10.54 12.84 -6.37
N ALA A 308 -11.06 13.97 -6.87
CA ALA A 308 -10.24 14.99 -7.51
C ALA A 308 -9.71 15.97 -6.46
N CYS A 309 -8.73 15.48 -5.69
CA CYS A 309 -8.12 16.22 -4.60
C CYS A 309 -6.61 16.12 -4.65
N LEU A 310 -5.94 17.15 -4.13
CA LEU A 310 -4.52 17.11 -3.82
C LEU A 310 -4.36 16.64 -2.37
N SER A 311 -3.92 15.39 -2.19
CA SER A 311 -3.77 14.81 -0.85
C SER A 311 -2.87 13.58 -0.95
N HIS A 312 -2.71 12.89 0.19
CA HIS A 312 -1.89 11.67 0.24
C HIS A 312 -2.34 10.80 1.41
N GLU A 313 -2.69 9.54 1.11
CA GLU A 313 -3.22 8.55 2.06
C GLU A 313 -4.62 8.91 2.57
N ILE A 314 -5.38 7.92 3.06
CA ILE A 314 -6.67 8.24 3.67
C ILE A 314 -7.20 7.18 4.64
N ILE A 315 -6.94 5.89 4.42
CA ILE A 315 -7.79 4.91 5.09
C ILE A 315 -7.54 4.77 6.59
N ILE A 316 -6.39 5.16 7.14
CA ILE A 316 -6.25 5.15 8.59
C ILE A 316 -6.29 6.56 9.18
N ARG A 317 -6.78 7.54 8.45
CA ARG A 317 -7.03 8.86 9.00
C ARG A 317 -8.40 8.90 9.65
N SER A 318 -8.51 9.56 10.81
CA SER A 318 -9.75 9.50 11.58
C SER A 318 -10.92 10.14 10.84
N HIS A 319 -10.67 11.15 10.00
CA HIS A 319 -11.75 11.81 9.28
C HIS A 319 -11.92 11.27 7.86
N TRP A 320 -11.72 9.96 7.69
CA TRP A 320 -11.71 9.35 6.38
C TRP A 320 -13.13 9.25 5.86
N THR A 321 -14.10 9.45 6.76
CA THR A 321 -15.53 9.41 6.49
C THR A 321 -16.04 10.66 5.78
N ASP A 322 -15.20 11.71 5.65
CA ASP A 322 -15.69 13.01 5.20
C ASP A 322 -15.81 13.09 3.68
N VAL A 323 -14.88 12.49 2.94
CA VAL A 323 -14.83 12.69 1.50
C VAL A 323 -15.90 11.85 0.81
N GLN A 324 -16.47 12.40 -0.27
CA GLN A 324 -17.51 11.74 -1.05
C GLN A 324 -17.26 11.95 -2.53
N VAL A 325 -17.60 10.93 -3.33
CA VAL A 325 -17.61 11.01 -4.78
C VAL A 325 -19.01 10.66 -5.26
N LYS A 326 -19.61 11.56 -6.04
CA LYS A 326 -21.00 11.42 -6.52
C LYS A 326 -21.96 11.14 -5.35
N GLY A 327 -21.67 11.71 -4.19
CA GLY A 327 -22.52 11.58 -3.02
C GLY A 327 -22.32 10.34 -2.18
N THR A 328 -21.30 9.54 -2.46
CA THR A 328 -21.05 8.28 -1.75
C THR A 328 -19.72 8.36 -1.03
N SER A 329 -19.70 8.00 0.26
CA SER A 329 -18.48 8.05 1.05
C SER A 329 -17.63 6.80 0.82
N LEU A 330 -16.37 6.87 1.28
CA LEU A 330 -15.49 5.71 1.14
C LEU A 330 -15.94 4.54 2.00
N PRO A 331 -16.29 4.71 3.28
CA PRO A 331 -16.86 3.57 4.03
C PRO A 331 -18.08 2.96 3.37
N ARG A 332 -18.94 3.78 2.75
CA ARG A 332 -20.10 3.21 2.05
C ARG A 332 -19.65 2.38 0.85
N ALA A 333 -18.72 2.92 0.05
CA ALA A 333 -18.27 2.20 -1.14
C ALA A 333 -17.68 0.85 -0.78
N LEU A 334 -16.92 0.78 0.31
CA LEU A 334 -16.35 -0.49 0.76
C LEU A 334 -17.42 -1.47 1.21
N HIS A 335 -18.48 -0.96 1.87
CA HIS A 335 -19.61 -1.82 2.24
C HIS A 335 -20.31 -2.35 1.00
N CYS A 336 -20.48 -1.52 -0.02
CA CYS A 336 -21.08 -1.97 -1.27
C CYS A 336 -20.22 -3.03 -1.96
N TRP A 337 -18.89 -2.86 -1.88
CA TRP A 337 -17.97 -3.89 -2.37
C TRP A 337 -18.22 -5.22 -1.66
N ASP A 338 -18.33 -5.19 -0.33
CA ASP A 338 -18.66 -6.40 0.42
C ASP A 338 -19.94 -7.06 -0.10
N ARG A 339 -20.97 -6.26 -0.34
CA ARG A 339 -22.24 -6.82 -0.83
C ARG A 339 -22.08 -7.43 -2.22
N SER A 340 -21.28 -6.78 -3.07
CA SER A 340 -21.09 -7.27 -4.44
C SER A 340 -20.34 -8.60 -4.48
N LEU A 341 -19.60 -8.93 -3.43
CA LEU A 341 -18.83 -10.17 -3.39
C LEU A 341 -19.56 -11.30 -2.69
N HIS A 342 -20.82 -11.10 -2.31
CA HIS A 342 -21.66 -12.22 -1.87
C HIS A 342 -21.80 -13.24 -3.00
N PRO A 351 -25.19 -5.01 -10.77
CA PRO A 351 -25.00 -3.83 -9.91
C PRO A 351 -26.08 -3.71 -8.84
N LEU A 352 -25.79 -2.97 -7.78
CA LEU A 352 -26.69 -2.81 -6.65
C LEU A 352 -27.34 -1.43 -6.69
N LYS A 353 -28.65 -1.40 -6.48
CA LYS A 353 -29.40 -0.16 -6.50
C LYS A 353 -28.91 0.78 -5.40
N GLY A 354 -28.38 1.93 -5.81
CA GLY A 354 -27.96 2.95 -4.88
C GLY A 354 -26.77 2.63 -4.01
N CYS A 355 -25.97 1.63 -4.37
CA CYS A 355 -24.85 1.23 -3.53
C CYS A 355 -23.70 0.92 -4.49
N PRO A 356 -23.04 1.96 -5.00
CA PRO A 356 -22.04 1.80 -6.06
C PRO A 356 -20.65 1.41 -5.53
N VAL A 357 -19.85 0.85 -6.45
CA VAL A 357 -18.52 0.36 -6.11
C VAL A 357 -17.42 1.03 -6.93
N HIS A 358 -17.75 1.61 -8.09
CA HIS A 358 -16.80 2.32 -8.95
C HIS A 358 -17.12 3.81 -8.89
N LEU A 359 -16.21 4.60 -8.30
CA LEU A 359 -16.48 6.02 -8.04
C LEU A 359 -15.23 6.83 -8.40
N VAL A 360 -15.25 7.47 -9.57
CA VAL A 360 -14.11 8.25 -10.07
C VAL A 360 -14.61 9.63 -10.48
N ASP A 361 -14.02 10.68 -9.90
CA ASP A 361 -14.41 12.05 -10.24
C ASP A 361 -14.07 12.36 -11.70
N SER A 362 -14.89 13.21 -12.30
CA SER A 362 -14.66 13.66 -13.67
C SER A 362 -14.24 15.12 -13.77
N CYS A 363 -14.33 15.90 -12.69
CA CYS A 363 -13.90 17.29 -12.80
C CYS A 363 -12.39 17.39 -12.77
N PRO A 364 -11.80 18.36 -13.49
CA PRO A 364 -10.40 18.25 -13.92
C PRO A 364 -9.35 19.00 -13.10
N TRP A 365 -9.68 19.57 -11.94
CA TRP A 365 -8.72 20.38 -11.18
C TRP A 365 -8.76 20.07 -9.69
N PRO A 366 -7.61 20.07 -8.99
CA PRO A 366 -7.65 19.81 -7.54
C PRO A 366 -8.61 20.70 -6.79
N HIS A 367 -9.57 20.01 -6.16
CA HIS A 367 -10.43 20.42 -5.06
C HIS A 367 -11.69 20.94 -5.74
N CYS A 368 -11.88 20.55 -7.01
CA CYS A 368 -13.15 20.74 -7.70
C CYS A 368 -14.26 19.90 -7.06
N ASN A 369 -13.87 18.94 -6.22
CA ASN A 369 -14.78 18.22 -5.36
C ASN A 369 -14.83 18.94 -4.02
N PRO A 370 -16.00 19.44 -3.58
CA PRO A 370 -16.03 20.25 -2.36
C PRO A 370 -15.76 19.47 -1.07
N SER A 371 -15.72 18.14 -1.11
CA SER A 371 -15.47 17.35 0.09
C SER A 371 -14.01 17.00 0.31
N CYS A 372 -13.10 17.59 -0.48
CA CYS A 372 -11.69 17.30 -0.38
C CYS A 372 -11.14 17.72 0.98
N PRO A 373 -10.10 17.05 1.48
CA PRO A 373 -9.49 17.47 2.75
C PRO A 373 -8.93 18.88 2.66
N THR A 374 -9.09 19.63 3.75
CA THR A 374 -8.61 21.01 3.80
C THR A 374 -7.10 21.06 4.01
S SO4 B . 13.39 7.71 14.60
O1 SO4 B . 12.41 7.00 13.78
O2 SO4 B . 13.78 6.87 15.73
O3 SO4 B . 14.56 8.04 13.81
O4 SO4 B . 12.77 8.94 15.10
C1 NAG C . 11.84 -18.71 9.63
C2 NAG C . 11.55 -20.17 9.27
C3 NAG C . 12.47 -20.64 8.15
C4 NAG C . 12.40 -19.68 6.96
C5 NAG C . 12.67 -18.26 7.43
C6 NAG C . 12.50 -17.24 6.33
C7 NAG C . 10.73 -21.82 10.91
C8 NAG C . 11.07 -22.63 12.12
N2 NAG C . 11.70 -21.03 10.45
O3 NAG C . 12.08 -21.95 7.74
O4 NAG C . 13.38 -20.05 5.99
O5 NAG C . 11.73 -17.90 8.46
O6 NAG C . 11.20 -17.28 5.77
O7 NAG C . 9.63 -21.88 10.37
S DMS D . -21.43 1.31 -9.84
O DMS D . -20.23 0.71 -9.21
C1 DMS D . -22.55 -0.02 -10.35
C2 DMS D . -20.99 1.98 -11.47
S DMS E . 5.68 2.07 14.55
O DMS E . 4.24 2.02 14.18
C1 DMS E . 6.15 0.40 15.08
C2 DMS E . 5.86 2.96 16.11
S DMS F . -18.91 -4.22 11.01
O DMS F . -17.60 -4.74 11.51
C1 DMS F . -20.24 -4.92 12.00
C2 DMS F . -19.28 -5.04 9.43
S SO4 G . -17.59 8.49 -14.70
O1 SO4 G . -17.97 9.83 -14.22
O2 SO4 G . -18.74 7.60 -14.55
O3 SO4 G . -17.20 8.55 -16.09
O4 SO4 G . -16.49 7.99 -13.89
S SO4 H . 25.92 -2.88 1.18
O1 SO4 H . 24.73 -2.33 1.81
O2 SO4 H . 26.02 -4.31 1.48
O3 SO4 H . 25.84 -2.69 -0.27
O4 SO4 H . 27.11 -2.20 1.69
S SO4 I . -1.74 31.72 -18.46
O1 SO4 I . -2.19 31.17 -17.17
O2 SO4 I . -2.52 31.11 -19.54
O3 SO4 I . -1.92 33.17 -18.47
O4 SO4 I . -0.32 31.41 -18.64
S SO4 J . 6.62 26.77 -12.10
O1 SO4 J . 5.38 27.32 -11.56
O2 SO4 J . 6.94 25.52 -11.41
O3 SO4 J . 7.70 27.72 -11.90
O4 SO4 J . 6.45 26.49 -13.52
N1 O3D K . 6.68 3.35 -3.66
C4 O3D K . 6.87 3.38 -6.08
C5 O3D K . 7.33 4.55 -6.72
C6 O3D K . 6.64 4.65 -7.92
C7 O3D K . 5.79 3.54 -8.00
C8 O3D K . 5.20 3.64 -4.00
C1 O3D K . 6.72 5.31 -1.93
C2 O3D K . 7.44 4.63 -3.10
C3 O3D K . 7.36 2.85 -4.71
C9 O3D K . 4.46 4.35 -2.85
O1 O3D K . 4.47 6.36 -1.27
O2 O3D K . 5.36 6.61 -3.63
O3 O3D K . 5.95 2.79 -6.89
S1 O3D K . 5.19 5.80 -2.42
#